data_8AQA
#
_entry.id   8AQA
#
_cell.length_a   48.458
_cell.length_b   60.598
_cell.length_c   83.052
_cell.angle_alpha   90.000
_cell.angle_beta   90.000
_cell.angle_gamma   90.000
#
_symmetry.space_group_name_H-M   'P 21 21 21'
#
loop_
_entity.id
_entity.type
_entity.pdbx_description
1 polymer 'Serine protease subunit NS2B'
2 polymer 'Serine protease NS3'
3 polymer '(1R,2R,3S,4R,6S)-4,6-diamino-2,3-dihydroxycyclohexyl 2,6-diamino-2,6-dideoxy-alpha-D-glucopyranoside'
4 water water
#
loop_
_entity_poly.entity_id
_entity_poly.type
_entity_poly.pdbx_seq_one_letter_code
_entity_poly.pdbx_strand_id
1 'polypeptide(L)' MTGKSVDMYIERAGDITWEKDAEVTGNSPRLDVALDESGDFSLVEEDGPPMRE A
2 'polypeptide(L)'
;GSGALWDVPAPKEVKKGETTDGVYRVMTRRLLGSTQVGVGVMQEGVFHTMWHVTKGAALRSGEGRLDPYWGDVKQDLVSY
CGPWKLDAAWDGLSEVQLLAVPPGERAKNIQTLPGIFKTKDGDIGAVALDYPAGTSGSPILDKCGRVIGLYGNGVVIKNG
SYVSAITQGKREEETPVE
;
B
3 'polypeptide(L)' (V7T)G(V8N)(LDO)K C
#
loop_
_chem_comp.id
_chem_comp.type
_chem_comp.name
_chem_comp.formula
LDO non-polymer 6-HYDROXY-L-NORLEUCINE 'C6 H13 N O3'
V7T peptide-like '(2R)-6-azanyl-2-carbamimidamido-hexanoic acid' 'C7 H16 N4 O2'
V8N peptide-like '2-[3-(aminomethyl)phenyl]ethanoic acid' 'C9 H11 N O2'
#
# COMPACT_ATOMS: atom_id res chain seq x y z
N VAL A 6 19.02 -13.22 1.53
CA VAL A 6 17.58 -13.37 1.43
C VAL A 6 17.11 -13.13 -0.01
N ASP A 7 16.36 -14.10 -0.55
CA ASP A 7 15.75 -13.98 -1.86
C ASP A 7 14.41 -13.27 -1.67
N MET A 8 14.37 -11.99 -2.00
CA MET A 8 13.13 -11.23 -1.98
C MET A 8 12.67 -11.09 -3.43
N TYR A 9 11.47 -11.57 -3.72
CA TYR A 9 11.03 -11.70 -5.10
C TYR A 9 9.55 -11.37 -5.20
N ILE A 10 9.09 -11.13 -6.43
CA ILE A 10 7.71 -10.75 -6.64
C ILE A 10 7.00 -11.79 -7.50
N GLU A 11 5.70 -11.92 -7.29
CA GLU A 11 4.89 -12.84 -8.09
C GLU A 11 3.53 -12.21 -8.37
N ARG A 12 3.09 -12.38 -9.60
CA ARG A 12 1.86 -11.71 -10.01
C ARG A 12 0.68 -12.26 -9.23
N ALA A 13 -0.23 -11.36 -8.88
CA ALA A 13 -1.38 -11.71 -8.07
C ALA A 13 -2.71 -11.26 -8.66
N GLY A 14 -2.70 -10.55 -9.77
CA GLY A 14 -3.97 -10.21 -10.39
C GLY A 14 -3.92 -8.91 -11.16
N ASP A 15 -5.05 -8.63 -11.80
CA ASP A 15 -5.25 -7.39 -12.50
C ASP A 15 -5.82 -6.36 -11.55
N ILE A 16 -5.56 -5.10 -11.83
CA ILE A 16 -6.02 -4.00 -11.01
C ILE A 16 -7.30 -3.45 -11.64
N THR A 17 -8.45 -3.81 -11.05
CA THR A 17 -9.76 -3.51 -11.59
C THR A 17 -10.70 -3.17 -10.44
N TRP A 18 -11.53 -2.14 -10.63
CA TRP A 18 -12.61 -1.83 -9.71
C TRP A 18 -13.71 -2.87 -9.86
N GLU A 19 -14.25 -3.34 -8.75
CA GLU A 19 -15.32 -4.34 -8.76
C GLU A 19 -16.67 -3.62 -8.67
N LYS A 20 -17.53 -3.84 -9.65
CA LYS A 20 -18.87 -3.28 -9.59
C LYS A 20 -19.69 -3.98 -8.52
N ASP A 21 -20.65 -3.25 -7.96
CA ASP A 21 -21.60 -3.81 -7.00
C ASP A 21 -20.90 -4.45 -5.80
N ALA A 22 -19.85 -3.79 -5.32
CA ALA A 22 -19.27 -4.15 -4.04
C ALA A 22 -20.04 -3.44 -2.95
N GLU A 23 -20.10 -4.06 -1.77
CA GLU A 23 -20.82 -3.46 -0.64
C GLU A 23 -19.84 -2.68 0.23
N VAL A 24 -20.20 -1.42 0.52
CA VAL A 24 -19.36 -0.57 1.35
C VAL A 24 -19.31 -1.13 2.77
N THR A 25 -18.12 -1.03 3.39
CA THR A 25 -17.91 -1.47 4.76
C THR A 25 -16.82 -0.61 5.39
N GLY A 26 -16.65 -0.77 6.71
CA GLY A 26 -15.74 0.04 7.49
C GLY A 26 -16.33 1.40 7.80
N ASN A 27 -15.82 2.02 8.85
CA ASN A 27 -16.28 3.36 9.19
C ASN A 27 -15.35 4.41 8.57
N SER A 28 -15.54 5.67 8.93
CA SER A 28 -14.84 6.81 8.32
C SER A 28 -14.30 7.69 9.43
N PRO A 29 -13.30 7.22 10.15
CA PRO A 29 -12.87 7.94 11.36
C PRO A 29 -12.17 9.24 11.03
N ARG A 30 -12.32 10.20 11.92
CA ARG A 30 -11.71 11.51 11.81
C ARG A 30 -10.68 11.60 12.93
N LEU A 31 -9.41 11.40 12.58
CA LEU A 31 -8.36 11.28 13.57
C LEU A 31 -7.33 12.40 13.43
N ASP A 32 -6.84 12.90 14.57
CA ASP A 32 -5.72 13.83 14.62
C ASP A 32 -4.45 13.02 14.77
N VAL A 33 -3.54 13.16 13.81
CA VAL A 33 -2.33 12.33 13.79
C VAL A 33 -1.12 13.20 13.49
N ALA A 34 0.04 12.68 13.86
CA ALA A 34 1.34 13.25 13.53
C ALA A 34 2.15 12.21 12.77
N LEU A 35 3.03 12.69 11.90
CA LEU A 35 3.91 11.85 11.09
C LEU A 35 5.34 12.28 11.36
N ASP A 36 6.17 11.33 11.80
CA ASP A 36 7.56 11.66 12.12
C ASP A 36 8.48 11.37 10.94
N GLU A 37 9.76 11.72 11.10
CA GLU A 37 10.71 11.65 9.99
C GLU A 37 11.04 10.22 9.60
N SER A 38 10.70 9.24 10.43
N SER A 38 10.71 9.24 10.43
CA SER A 38 10.90 7.85 10.09
CA SER A 38 10.92 7.84 10.08
C SER A 38 9.70 7.22 9.41
C SER A 38 9.71 7.23 9.38
N GLY A 39 8.65 8.00 9.13
CA GLY A 39 7.49 7.48 8.46
C GLY A 39 6.47 6.84 9.36
N ASP A 40 6.50 7.13 10.66
CA ASP A 40 5.53 6.57 11.58
C ASP A 40 4.45 7.59 11.93
N PHE A 41 3.21 7.18 11.78
CA PHE A 41 2.06 7.94 12.24
C PHE A 41 1.79 7.63 13.70
N SER A 42 1.31 8.63 14.44
CA SER A 42 0.88 8.46 15.81
C SER A 42 -0.32 9.35 16.07
N LEU A 43 -1.12 8.95 17.05
CA LEU A 43 -2.27 9.75 17.46
C LEU A 43 -1.82 10.97 18.26
N VAL A 44 -2.47 12.11 18.01
CA VAL A 44 -2.33 13.31 18.82
C VAL A 44 -3.48 13.30 19.83
N GLU A 45 -3.16 13.36 21.11
CA GLU A 45 -4.16 13.10 22.16
C GLU A 45 -4.29 14.26 23.13
N GLU B 18 8.32 -9.69 -17.15
CA GLU B 18 8.78 -9.58 -15.77
C GLU B 18 8.28 -8.30 -15.10
N THR B 19 7.88 -7.32 -15.92
CA THR B 19 7.34 -6.06 -15.45
C THR B 19 5.95 -5.80 -16.06
N THR B 20 5.18 -6.87 -16.26
CA THR B 20 3.82 -6.71 -16.77
C THR B 20 2.94 -6.00 -15.75
N ASP B 21 2.09 -5.10 -16.23
CA ASP B 21 1.18 -4.37 -15.35
C ASP B 21 0.38 -5.33 -14.49
N GLY B 22 0.16 -4.95 -13.24
CA GLY B 22 -0.72 -5.70 -12.36
C GLY B 22 -0.29 -5.51 -10.91
N VAL B 23 -0.98 -6.24 -10.04
CA VAL B 23 -0.64 -6.26 -8.61
C VAL B 23 0.17 -7.53 -8.34
N TYR B 24 1.16 -7.43 -7.45
CA TYR B 24 2.11 -8.49 -7.18
C TYR B 24 2.27 -8.68 -5.68
N ARG B 25 2.51 -9.92 -5.27
CA ARG B 25 2.98 -10.21 -3.92
C ARG B 25 4.49 -10.02 -3.86
N VAL B 26 4.96 -9.52 -2.72
CA VAL B 26 6.38 -9.45 -2.38
C VAL B 26 6.66 -10.54 -1.36
N MET B 27 7.53 -11.47 -1.72
CA MET B 27 7.82 -12.65 -0.94
C MET B 27 9.29 -12.68 -0.55
N THR B 28 9.58 -13.38 0.54
CA THR B 28 10.96 -13.67 0.91
C THR B 28 11.10 -15.16 1.18
N ARG B 29 12.27 -15.70 0.87
CA ARG B 29 12.61 -17.05 1.27
C ARG B 29 14.11 -17.16 1.46
N ARG B 30 14.50 -18.03 2.38
CA ARG B 30 15.91 -18.37 2.58
C ARG B 30 16.11 -19.81 2.09
N LEU B 31 16.34 -20.73 3.02
CA LEU B 31 16.52 -22.12 2.64
C LEU B 31 15.22 -22.93 2.67
N LEU B 32 14.18 -22.41 3.33
CA LEU B 32 12.95 -23.18 3.57
C LEU B 32 11.79 -22.50 2.83
N GLY B 33 10.62 -22.36 3.45
CA GLY B 33 9.45 -21.84 2.75
C GLY B 33 9.48 -20.33 2.60
N SER B 34 8.46 -19.82 1.93
N SER B 34 8.45 -19.82 1.94
CA SER B 34 8.35 -18.40 1.63
CA SER B 34 8.35 -18.40 1.64
C SER B 34 7.38 -17.69 2.57
C SER B 34 7.41 -17.70 2.61
N THR B 35 7.61 -16.40 2.76
CA THR B 35 6.74 -15.55 3.56
C THR B 35 6.34 -14.36 2.69
N GLN B 36 5.06 -14.00 2.72
CA GLN B 36 4.62 -12.79 2.04
C GLN B 36 4.85 -11.60 2.97
N VAL B 37 5.75 -10.70 2.58
CA VAL B 37 6.02 -9.49 3.37
C VAL B 37 5.25 -8.27 2.85
N GLY B 38 4.74 -8.29 1.63
CA GLY B 38 3.93 -7.18 1.17
C GLY B 38 3.41 -7.44 -0.22
N VAL B 39 3.09 -6.33 -0.89
CA VAL B 39 2.33 -6.27 -2.14
C VAL B 39 2.83 -5.03 -2.85
N GLY B 40 2.70 -4.99 -4.17
CA GLY B 40 2.95 -3.73 -4.86
C GLY B 40 2.31 -3.71 -6.23
N VAL B 41 2.49 -2.58 -6.90
CA VAL B 41 1.84 -2.28 -8.17
C VAL B 41 2.88 -2.11 -9.26
N MET B 42 2.75 -2.86 -10.34
CA MET B 42 3.54 -2.64 -11.54
C MET B 42 2.72 -1.78 -12.50
N GLN B 43 3.23 -0.62 -12.86
CA GLN B 43 2.58 0.26 -13.83
C GLN B 43 3.67 1.00 -14.59
N GLU B 44 3.55 1.04 -15.92
CA GLU B 44 4.48 1.77 -16.76
C GLU B 44 5.92 1.35 -16.52
N GLY B 45 6.14 0.04 -16.31
CA GLY B 45 7.48 -0.49 -16.16
C GLY B 45 8.11 -0.27 -14.80
N VAL B 46 7.37 0.27 -13.84
CA VAL B 46 7.89 0.62 -12.54
C VAL B 46 7.12 -0.15 -11.49
N PHE B 47 7.83 -0.69 -10.51
CA PHE B 47 7.20 -1.38 -9.39
C PHE B 47 7.13 -0.44 -8.19
N HIS B 48 5.95 -0.34 -7.59
CA HIS B 48 5.66 0.59 -6.52
C HIS B 48 5.24 -0.19 -5.28
N THR B 49 5.91 0.07 -4.15
CA THR B 49 5.50 -0.58 -2.91
C THR B 49 5.81 0.36 -1.74
N MET B 50 5.55 -0.12 -0.54
CA MET B 50 5.87 0.66 0.66
C MET B 50 7.30 0.33 1.09
N TRP B 51 8.01 1.35 1.58
CA TRP B 51 9.40 1.18 1.95
C TRP B 51 9.57 0.07 2.98
N HIS B 52 8.66 -0.01 3.96
CA HIS B 52 8.83 -0.98 5.03
C HIS B 52 8.72 -2.42 4.54
N VAL B 53 8.16 -2.63 3.35
CA VAL B 53 8.08 -3.98 2.80
C VAL B 53 9.44 -4.50 2.38
N THR B 54 10.23 -3.67 1.68
CA THR B 54 11.48 -4.13 1.10
C THR B 54 12.71 -3.53 1.77
N LYS B 55 12.54 -2.50 2.59
CA LYS B 55 13.63 -1.72 3.17
C LYS B 55 14.52 -1.15 2.08
N GLY B 56 13.95 -0.97 0.90
CA GLY B 56 14.68 -0.40 -0.21
C GLY B 56 15.69 -1.31 -0.84
N ALA B 57 15.60 -2.62 -0.63
CA ALA B 57 16.49 -3.62 -1.21
C ALA B 57 16.02 -4.02 -2.61
N ALA B 58 16.95 -4.59 -3.38
CA ALA B 58 16.62 -5.02 -4.74
C ALA B 58 15.65 -6.20 -4.71
N LEU B 59 14.91 -6.35 -5.80
CA LEU B 59 13.91 -7.40 -5.93
C LEU B 59 14.22 -8.30 -7.11
N ARG B 60 13.90 -9.57 -6.97
CA ARG B 60 13.92 -10.50 -8.10
C ARG B 60 12.52 -10.57 -8.74
N SER B 61 12.49 -10.60 -10.06
CA SER B 61 11.25 -10.81 -10.80
C SER B 61 11.55 -11.87 -11.85
N GLY B 62 11.14 -13.10 -11.57
CA GLY B 62 11.51 -14.21 -12.42
C GLY B 62 13.02 -14.35 -12.43
N GLU B 63 13.61 -14.24 -13.62
CA GLU B 63 15.05 -14.30 -13.78
C GLU B 63 15.71 -12.93 -13.65
N GLY B 64 14.93 -11.86 -13.58
CA GLY B 64 15.45 -10.52 -13.62
C GLY B 64 15.59 -9.87 -12.26
N ARG B 65 16.30 -8.75 -12.25
CA ARG B 65 16.56 -7.97 -11.06
C ARG B 65 15.94 -6.59 -11.25
N LEU B 66 15.19 -6.15 -10.24
CA LEU B 66 14.61 -4.80 -10.23
C LEU B 66 15.35 -4.01 -9.16
N ASP B 67 15.95 -2.90 -9.57
CA ASP B 67 16.72 -2.08 -8.65
C ASP B 67 15.92 -0.88 -8.18
N PRO B 68 16.05 -0.50 -6.90
CA PRO B 68 15.34 0.68 -6.42
C PRO B 68 15.85 1.92 -7.13
N TYR B 69 14.91 2.78 -7.49
CA TYR B 69 15.20 4.02 -8.19
C TYR B 69 14.95 5.24 -7.33
N TRP B 70 13.77 5.31 -6.72
CA TRP B 70 13.38 6.43 -5.88
C TRP B 70 12.75 5.90 -4.61
N GLY B 71 12.84 6.68 -3.53
CA GLY B 71 12.12 6.30 -2.32
C GLY B 71 12.17 7.43 -1.32
N ASP B 72 11.38 7.28 -0.27
CA ASP B 72 11.25 8.31 0.76
C ASP B 72 10.74 7.63 2.02
N VAL B 73 11.62 7.53 3.03
N VAL B 73 11.59 7.55 3.04
CA VAL B 73 11.25 6.85 4.27
CA VAL B 73 11.21 6.82 4.25
C VAL B 73 10.07 7.53 4.96
C VAL B 73 10.10 7.54 5.02
N LYS B 74 10.01 8.86 4.92
CA LYS B 74 8.93 9.55 5.64
C LYS B 74 7.57 9.26 5.03
N GLN B 75 7.52 9.21 3.70
CA GLN B 75 6.29 8.80 3.03
C GLN B 75 6.08 7.30 3.07
N ASP B 76 7.12 6.54 3.40
CA ASP B 76 7.10 5.08 3.42
C ASP B 76 6.82 4.49 2.04
N LEU B 77 7.52 5.01 1.03
CA LEU B 77 7.32 4.57 -0.35
C LEU B 77 8.66 4.32 -1.03
N VAL B 78 8.63 3.43 -2.03
CA VAL B 78 9.79 3.13 -2.86
C VAL B 78 9.30 2.71 -4.24
N SER B 79 10.04 3.10 -5.27
CA SER B 79 9.78 2.65 -6.64
C SER B 79 11.03 1.98 -7.21
N TYR B 80 10.79 1.04 -8.11
CA TYR B 80 11.82 0.23 -8.74
C TYR B 80 11.79 0.42 -10.24
N CYS B 81 12.97 0.52 -10.84
CA CYS B 81 13.19 0.59 -12.28
C CYS B 81 13.00 1.99 -12.87
N GLY B 82 12.37 2.89 -12.13
CA GLY B 82 12.16 4.23 -12.61
C GLY B 82 11.42 5.04 -11.57
N PRO B 83 11.07 6.27 -11.92
CA PRO B 83 10.40 7.16 -10.96
C PRO B 83 8.96 6.74 -10.71
N TRP B 84 8.45 7.20 -9.56
CA TRP B 84 7.07 6.92 -9.15
C TRP B 84 6.10 7.39 -10.22
N LYS B 85 5.19 6.49 -10.63
CA LYS B 85 4.29 6.72 -11.75
C LYS B 85 2.84 6.97 -11.34
N LEU B 86 2.47 6.62 -10.11
CA LEU B 86 1.06 6.66 -9.71
C LEU B 86 0.70 8.08 -9.28
N ASP B 87 -0.21 8.72 -10.00
CA ASP B 87 -0.53 10.10 -9.69
C ASP B 87 -2.00 10.38 -9.42
N ALA B 88 -2.88 9.39 -9.52
CA ALA B 88 -4.28 9.65 -9.21
C ALA B 88 -4.41 10.01 -7.74
N ALA B 89 -5.34 10.92 -7.44
CA ALA B 89 -5.57 11.39 -6.09
C ALA B 89 -6.98 11.07 -5.66
N TRP B 90 -7.15 10.72 -4.39
CA TRP B 90 -8.49 10.62 -3.82
C TRP B 90 -9.16 11.98 -3.96
N ASP B 91 -10.42 11.98 -4.43
CA ASP B 91 -11.14 13.23 -4.64
C ASP B 91 -11.66 13.85 -3.34
N GLY B 92 -11.41 13.23 -2.21
CA GLY B 92 -11.83 13.76 -0.93
C GLY B 92 -13.30 13.59 -0.64
N LEU B 93 -14.02 12.81 -1.45
CA LEU B 93 -15.47 12.73 -1.36
C LEU B 93 -16.00 11.31 -1.54
N SER B 94 -15.47 10.60 -2.53
CA SER B 94 -16.05 9.36 -3.02
C SER B 94 -15.56 8.12 -2.28
N GLU B 95 -16.36 7.07 -2.34
CA GLU B 95 -15.91 5.77 -1.88
C GLU B 95 -14.77 5.26 -2.74
N VAL B 96 -13.95 4.40 -2.14
CA VAL B 96 -12.75 3.85 -2.77
C VAL B 96 -12.81 2.34 -2.58
N GLN B 97 -11.90 1.64 -3.26
CA GLN B 97 -11.73 0.21 -3.03
C GLN B 97 -10.30 -0.15 -2.68
N LEU B 98 -10.14 -0.89 -1.59
CA LEU B 98 -8.87 -1.55 -1.33
C LEU B 98 -8.86 -2.86 -2.12
N LEU B 99 -7.86 -3.01 -2.98
CA LEU B 99 -7.63 -4.29 -3.65
C LEU B 99 -6.65 -5.04 -2.76
N ALA B 100 -7.20 -5.69 -1.74
CA ALA B 100 -6.39 -6.37 -0.74
C ALA B 100 -5.82 -7.65 -1.29
N VAL B 101 -4.53 -7.87 -1.06
CA VAL B 101 -3.88 -9.11 -1.48
C VAL B 101 -3.27 -9.73 -0.22
N PRO B 102 -4.07 -10.37 0.62
CA PRO B 102 -3.54 -10.86 1.91
C PRO B 102 -2.70 -12.09 1.70
N PRO B 103 -1.77 -12.37 2.59
CA PRO B 103 -0.99 -13.61 2.48
C PRO B 103 -1.91 -14.82 2.37
N GLY B 104 -1.64 -15.67 1.38
CA GLY B 104 -2.37 -16.92 1.23
C GLY B 104 -3.81 -16.81 0.76
N GLU B 105 -4.25 -15.63 0.31
CA GLU B 105 -5.61 -15.42 -0.17
C GLU B 105 -5.58 -14.68 -1.50
N ARG B 106 -6.54 -14.96 -2.38
CA ARG B 106 -6.54 -14.24 -3.64
C ARG B 106 -6.98 -12.79 -3.43
N ALA B 107 -6.61 -11.96 -4.39
CA ALA B 107 -6.98 -10.55 -4.37
C ALA B 107 -8.50 -10.37 -4.25
N LYS B 108 -8.91 -9.42 -3.42
CA LYS B 108 -10.32 -9.14 -3.22
C LYS B 108 -10.50 -7.64 -3.06
N ASN B 109 -11.61 -7.14 -3.56
CA ASN B 109 -11.93 -5.72 -3.52
C ASN B 109 -12.86 -5.43 -2.36
N ILE B 110 -12.50 -4.43 -1.55
CA ILE B 110 -13.31 -4.00 -0.42
C ILE B 110 -13.61 -2.52 -0.58
N GLN B 111 -14.88 -2.18 -0.67
CA GLN B 111 -15.29 -0.79 -0.87
C GLN B 111 -15.52 -0.12 0.50
N THR B 112 -15.13 1.14 0.59
CA THR B 112 -15.21 1.87 1.86
C THR B 112 -15.24 3.37 1.58
N LEU B 113 -15.84 4.12 2.52
CA LEU B 113 -15.74 5.57 2.49
C LEU B 113 -14.60 5.95 3.41
N PRO B 114 -13.52 6.51 2.90
CA PRO B 114 -12.40 6.88 3.79
C PRO B 114 -12.81 7.86 4.88
N GLY B 115 -12.15 7.72 6.03
CA GLY B 115 -12.04 8.81 6.98
C GLY B 115 -10.85 9.68 6.63
N ILE B 116 -10.37 10.41 7.64
CA ILE B 116 -9.36 11.44 7.45
C ILE B 116 -8.33 11.38 8.56
N PHE B 117 -7.05 11.36 8.18
CA PHE B 117 -5.98 11.73 9.09
C PHE B 117 -5.80 13.24 8.97
N LYS B 118 -6.05 13.97 10.06
CA LYS B 118 -5.81 15.41 10.09
C LYS B 118 -4.43 15.65 10.69
N THR B 119 -3.53 16.23 9.91
CA THR B 119 -2.18 16.50 10.36
C THR B 119 -1.92 18.00 10.28
N LYS B 120 -0.81 18.42 10.89
CA LYS B 120 -0.44 19.83 10.84
C LYS B 120 -0.21 20.31 9.42
N ASP B 121 0.10 19.40 8.51
CA ASP B 121 0.40 19.74 7.12
C ASP B 121 -0.76 19.47 6.17
N GLY B 122 -1.92 19.09 6.69
CA GLY B 122 -3.09 18.87 5.89
C GLY B 122 -3.76 17.54 6.16
N ASP B 123 -4.86 17.31 5.45
CA ASP B 123 -5.64 16.10 5.59
C ASP B 123 -5.19 15.04 4.60
N ILE B 124 -5.25 13.78 5.02
CA ILE B 124 -4.95 12.62 4.20
C ILE B 124 -6.12 11.67 4.35
N GLY B 125 -6.66 11.16 3.25
CA GLY B 125 -7.63 10.09 3.35
C GLY B 125 -7.06 8.88 4.05
N ALA B 126 -7.93 8.15 4.74
CA ALA B 126 -7.51 7.02 5.54
C ALA B 126 -8.62 5.98 5.55
N VAL B 127 -8.27 4.70 5.47
CA VAL B 127 -9.25 3.63 5.40
C VAL B 127 -9.18 2.78 6.66
N ALA B 128 -10.35 2.53 7.25
CA ALA B 128 -10.48 1.74 8.46
C ALA B 128 -10.76 0.29 8.08
N LEU B 129 -9.71 -0.34 7.56
CA LEU B 129 -9.74 -1.73 7.10
C LEU B 129 -8.49 -2.40 7.63
N ASP B 130 -8.63 -3.59 8.20
CA ASP B 130 -7.58 -4.25 8.97
C ASP B 130 -7.24 -5.59 8.34
N TYR B 131 -5.99 -5.76 7.93
CA TYR B 131 -5.48 -6.93 7.24
C TYR B 131 -4.11 -7.27 7.79
N PRO B 132 -3.63 -8.48 7.52
CA PRO B 132 -2.30 -8.87 8.02
C PRO B 132 -1.19 -7.97 7.50
N ALA B 133 -0.07 -7.97 8.24
CA ALA B 133 1.06 -7.11 7.90
C ALA B 133 1.51 -7.31 6.46
N GLY B 134 1.49 -8.55 5.96
CA GLY B 134 1.93 -8.82 4.62
C GLY B 134 1.02 -8.31 3.52
N THR B 135 -0.10 -7.68 3.89
CA THR B 135 -0.99 -7.00 2.94
C THR B 135 -0.46 -5.61 2.59
N SER B 136 0.56 -5.14 3.30
CA SER B 136 1.16 -3.84 3.05
C SER B 136 1.51 -3.67 1.59
N GLY B 137 1.15 -2.53 1.02
CA GLY B 137 1.41 -2.22 -0.38
C GLY B 137 0.25 -2.49 -1.30
N SER B 138 -0.84 -3.06 -0.77
CA SER B 138 -1.99 -3.32 -1.61
C SER B 138 -2.56 -2.00 -2.11
N PRO B 139 -2.98 -1.94 -3.37
CA PRO B 139 -3.43 -0.66 -3.92
C PRO B 139 -4.86 -0.32 -3.52
N ILE B 140 -5.09 0.98 -3.40
CA ILE B 140 -6.40 1.57 -3.16
C ILE B 140 -6.79 2.30 -4.44
N LEU B 141 -8.03 2.09 -4.87
CA LEU B 141 -8.48 2.44 -6.21
C LEU B 141 -9.64 3.42 -6.18
N ASP B 142 -9.70 4.28 -7.19
CA ASP B 142 -10.89 5.06 -7.47
C ASP B 142 -11.78 4.28 -8.42
N LYS B 143 -12.95 4.85 -8.74
CA LYS B 143 -13.96 4.14 -9.51
C LYS B 143 -13.52 3.88 -10.94
N CYS B 144 -12.51 4.59 -11.42
CA CYS B 144 -11.91 4.34 -12.72
C CYS B 144 -10.83 3.28 -12.68
N GLY B 145 -10.57 2.69 -11.51
CA GLY B 145 -9.53 1.70 -11.37
C GLY B 145 -8.14 2.26 -11.24
N ARG B 146 -8.01 3.58 -11.13
CA ARG B 146 -6.68 4.17 -10.95
C ARG B 146 -6.23 4.01 -9.51
N VAL B 147 -4.93 3.83 -9.33
CA VAL B 147 -4.38 3.65 -7.99
C VAL B 147 -4.18 5.01 -7.34
N ILE B 148 -5.00 5.30 -6.31
CA ILE B 148 -4.92 6.57 -5.60
C ILE B 148 -3.99 6.49 -4.39
N GLY B 149 -3.46 5.32 -4.08
CA GLY B 149 -2.47 5.19 -3.02
C GLY B 149 -2.28 3.74 -2.64
N LEU B 150 -1.36 3.51 -1.71
CA LEU B 150 -1.08 2.17 -1.20
C LEU B 150 -1.45 2.08 0.27
N TYR B 151 -1.94 0.90 0.64
CA TYR B 151 -2.37 0.56 1.98
C TYR B 151 -1.23 0.07 2.84
N GLY B 152 -1.21 0.51 4.10
CA GLY B 152 -0.38 -0.14 5.09
C GLY B 152 0.52 0.71 5.95
N ASN B 153 0.44 2.03 5.87
CA ASN B 153 1.10 2.88 6.85
C ASN B 153 0.00 3.60 7.64
N GLY B 154 -0.12 3.28 8.91
CA GLY B 154 -1.28 3.72 9.65
C GLY B 154 -1.06 3.78 11.14
N VAL B 155 -2.17 3.69 11.87
CA VAL B 155 -2.19 3.83 13.32
C VAL B 155 -3.16 2.83 13.91
N VAL B 156 -2.94 2.46 15.17
CA VAL B 156 -3.83 1.61 15.94
C VAL B 156 -4.64 2.49 16.88
N ILE B 157 -5.96 2.42 16.79
CA ILE B 157 -6.83 3.22 17.66
C ILE B 157 -7.13 2.47 18.95
N LYS B 158 -7.89 3.10 19.85
CA LYS B 158 -7.95 2.65 21.24
C LYS B 158 -8.39 1.20 21.37
N ASN B 159 -9.32 0.74 20.53
CA ASN B 159 -9.85 -0.61 20.64
C ASN B 159 -8.98 -1.67 19.96
N GLY B 160 -7.81 -1.30 19.43
CA GLY B 160 -6.94 -2.23 18.79
C GLY B 160 -7.12 -2.35 17.29
N SER B 161 -8.15 -1.72 16.75
CA SER B 161 -8.35 -1.78 15.30
C SER B 161 -7.41 -0.78 14.62
N TYR B 162 -7.40 -0.83 13.29
CA TYR B 162 -6.38 -0.19 12.48
C TYR B 162 -7.00 0.77 11.51
N VAL B 163 -6.28 1.86 11.23
CA VAL B 163 -6.64 2.79 10.18
C VAL B 163 -5.37 3.08 9.37
N SER B 164 -5.46 2.90 8.05
CA SER B 164 -4.32 3.12 7.16
C SER B 164 -4.47 4.43 6.40
N ALA B 165 -3.40 5.21 6.31
CA ALA B 165 -3.42 6.30 5.35
C ALA B 165 -3.59 5.75 3.92
N ILE B 166 -4.18 6.57 3.05
CA ILE B 166 -4.09 6.36 1.61
C ILE B 166 -2.79 7.03 1.19
N THR B 167 -1.70 6.27 1.11
CA THR B 167 -0.38 6.87 0.88
C THR B 167 -0.11 6.95 -0.62
N GLN B 168 0.06 8.15 -1.14
CA GLN B 168 0.38 8.37 -2.54
C GLN B 168 1.67 9.15 -2.68
N GLY B 169 2.45 8.83 -3.71
CA GLY B 169 3.67 9.54 -4.02
C GLY B 169 3.42 10.60 -5.08
N LYS B 170 4.44 11.38 -5.35
CA LYS B 170 4.38 12.42 -6.36
C LYS B 170 4.97 11.91 -7.66
N ARG B 171 4.28 12.13 -8.77
CA ARG B 171 4.82 11.82 -10.09
C ARG B 171 5.51 13.08 -10.61
N GLU B 172 6.84 13.06 -10.61
CA GLU B 172 7.62 14.24 -11.00
C GLU B 172 7.47 14.53 -12.49
N1 V7T C 1 -2.59 -3.68 14.55
N2 V7T C 1 -4.92 -4.08 14.20
CA V7T C 1 -2.16 -4.16 11.77
CD V7T C 1 -1.30 -3.53 8.02
CE V7T C 1 -0.02 -3.41 7.20
NZ V7T C 1 0.87 -2.40 7.76
CG V7T C 1 -1.07 -3.88 9.47
CB V7T C 1 -2.36 -3.94 10.27
C2 V7T C 1 -3.69 -3.97 13.74
N V7T C 1 -3.46 -4.14 12.43
C V7T C 1 -1.39 -5.46 12.03
O V7T C 1 -0.16 -5.45 12.10
N GLY C 2 -2.08 -6.58 12.17
CA GLY C 2 -1.40 -7.84 12.31
C GLY C 2 -0.62 -7.96 13.61
O V8N C 3 -0.28 -2.09 13.65
C V8N C 3 0.94 -1.97 13.85
C20 V8N C 3 1.69 -2.86 14.81
C21 V8N C 3 0.84 -3.67 15.76
C22 V8N C 3 0.56 -5.01 15.47
C23 V8N C 3 -0.22 -5.78 16.32
C24 V8N C 3 -0.51 -7.22 15.95
C31 V8N C 3 -0.73 -5.21 17.47
C32 V8N C 3 -0.45 -3.88 17.78
C33 V8N C 3 0.33 -3.12 16.92
N V8N C 3 -1.15 -7.30 14.65
N LDO C 4 1.70 -1.05 13.24
CA LDO C 4 1.18 0.03 12.41
CB LDO C 4 1.99 1.32 12.65
CG LDO C 4 2.05 1.89 14.03
CD LDO C 4 3.02 3.09 14.17
CE LDO C 4 3.20 3.75 15.52
OZ LDO C 4 1.96 4.36 15.80
C LDO C 4 1.35 -0.22 10.92
O LDO C 4 0.93 0.61 10.10
N LYS C 5 2.05 -1.30 10.56
CA LYS C 5 2.59 -1.51 9.22
C LYS C 5 1.88 -2.69 8.58
#